data_8OTY
#
_entry.id   8OTY
#
_cell.length_a   25.080
_cell.length_b   137.461
_cell.length_c   51.546
_cell.angle_alpha   90.000
_cell.angle_beta   104.020
_cell.angle_gamma   90.000
#
_symmetry.space_group_name_H-M   'P 1 21 1'
#
loop_
_entity.id
_entity.type
_entity.pdbx_description
1 polymer Titin
2 water water
#
_entity_poly.entity_id   1
_entity_poly.type   'polypeptide(L)'
_entity_poly.pdbx_seq_one_letter_code
;GSSDSPSAPVNLTIREVKKDSVTLSWEPPLIDGGAKITNYIVEKRETTRKAYATITNNCTKTTFRIENLQEGCSYYFRVL
ASNEYGIGLPAETTEPVKVSEPPL
;
_entity_poly.pdbx_strand_id   A,B,C,D
#
# COMPACT_ATOMS: atom_id res chain seq x y z
N SER A 2 -15.27 -31.65 -12.22
CA SER A 2 -14.52 -30.67 -12.99
C SER A 2 -13.78 -29.69 -12.08
N SER A 3 -13.92 -29.86 -10.78
CA SER A 3 -13.26 -29.01 -9.79
C SER A 3 -13.58 -27.53 -10.02
N ASP A 4 -14.84 -27.24 -10.32
CA ASP A 4 -15.25 -25.88 -10.61
C ASP A 4 -15.27 -25.03 -9.34
N SER A 5 -15.11 -23.73 -9.54
CA SER A 5 -15.29 -22.75 -8.48
C SER A 5 -16.78 -22.50 -8.29
N PRO A 6 -17.15 -21.75 -7.25
CA PRO A 6 -18.59 -21.50 -7.02
C PRO A 6 -19.13 -20.47 -8.00
N SER A 7 -20.47 -20.40 -8.05
CA SER A 7 -21.16 -19.35 -8.77
C SER A 7 -21.21 -18.11 -7.88
N ALA A 8 -21.90 -17.07 -8.31
CA ALA A 8 -21.97 -15.83 -7.57
C ALA A 8 -22.91 -15.97 -6.38
N PRO A 9 -22.64 -15.25 -5.29
CA PRO A 9 -23.65 -15.16 -4.22
C PRO A 9 -24.95 -14.61 -4.77
N VAL A 10 -26.05 -15.00 -4.15
CA VAL A 10 -27.39 -14.71 -4.65
C VAL A 10 -28.04 -13.62 -3.80
N ASN A 11 -28.72 -12.71 -4.48
CA ASN A 11 -29.54 -11.68 -3.81
C ASN A 11 -28.73 -10.90 -2.79
N LEU A 12 -27.61 -10.35 -3.23
CA LEU A 12 -26.83 -9.45 -2.39
C LEU A 12 -27.70 -8.24 -2.00
N THR A 13 -27.83 -8.02 -0.70
CA THR A 13 -28.72 -6.99 -0.17
C THR A 13 -27.95 -6.05 0.74
N ILE A 14 -28.17 -4.75 0.59
CA ILE A 14 -27.65 -3.78 1.53
C ILE A 14 -28.59 -3.77 2.74
N ARG A 15 -28.14 -4.33 3.85
CA ARG A 15 -29.02 -4.46 5.01
C ARG A 15 -29.09 -3.19 5.84
N GLU A 16 -28.04 -2.38 5.81
CA GLU A 16 -27.96 -1.22 6.70
C GLU A 16 -26.95 -0.26 6.11
N VAL A 17 -27.28 1.03 6.14
CA VAL A 17 -26.40 2.10 5.65
C VAL A 17 -26.34 3.16 6.74
N LYS A 18 -25.15 3.41 7.27
CA LYS A 18 -24.98 4.39 8.33
C LYS A 18 -23.96 5.45 7.92
N LYS A 19 -23.42 6.20 8.90
CA LYS A 19 -22.59 7.35 8.56
C LYS A 19 -21.33 6.94 7.80
N ASP A 20 -20.72 5.82 8.19
CA ASP A 20 -19.51 5.38 7.51
C ASP A 20 -19.35 3.86 7.62
N SER A 21 -20.47 3.14 7.51
CA SER A 21 -20.44 1.69 7.48
C SER A 21 -21.65 1.20 6.70
N VAL A 22 -21.51 -0.01 6.15
CA VAL A 22 -22.57 -0.68 5.42
C VAL A 22 -22.57 -2.16 5.81
N THR A 23 -23.75 -2.70 6.11
CA THR A 23 -23.92 -4.13 6.37
C THR A 23 -24.53 -4.77 5.13
N LEU A 24 -23.87 -5.79 4.62
CA LEU A 24 -24.37 -6.55 3.48
C LEU A 24 -24.79 -7.93 3.94
N SER A 25 -25.72 -8.54 3.20
CA SER A 25 -26.08 -9.94 3.38
C SER A 25 -26.32 -10.55 2.00
N TRP A 26 -26.30 -11.88 1.93
CA TRP A 26 -26.46 -12.56 0.66
C TRP A 26 -26.90 -13.99 0.94
N GLU A 27 -27.33 -14.66 -0.10
CA GLU A 27 -27.67 -16.07 -0.03
C GLU A 27 -26.58 -16.87 -0.71
N PRO A 28 -26.34 -18.10 -0.29
CA PRO A 28 -25.23 -18.88 -0.86
C PRO A 28 -25.43 -19.05 -2.35
N PRO A 29 -24.33 -19.21 -3.10
CA PRO A 29 -24.46 -19.42 -4.55
C PRO A 29 -25.32 -20.64 -4.84
N LEU A 30 -25.93 -20.64 -6.03
CA LEU A 30 -26.70 -21.80 -6.45
C LEU A 30 -25.81 -22.96 -6.88
N ILE A 31 -24.56 -22.66 -7.25
CA ILE A 31 -23.59 -23.66 -7.66
C ILE A 31 -22.38 -23.53 -6.74
N ASP A 32 -22.14 -24.56 -5.93
CA ASP A 32 -20.92 -24.57 -5.13
C ASP A 32 -19.69 -24.97 -5.92
N GLY A 33 -19.87 -25.65 -7.05
CA GLY A 33 -18.75 -26.11 -7.84
C GLY A 33 -18.30 -27.51 -7.46
N GLY A 34 -17.00 -27.74 -7.46
CA GLY A 34 -16.46 -29.04 -7.09
C GLY A 34 -16.43 -29.36 -5.63
N ALA A 35 -16.66 -28.37 -4.77
CA ALA A 35 -16.55 -28.57 -3.34
C ALA A 35 -17.38 -27.50 -2.64
N LYS A 36 -17.59 -27.70 -1.34
CA LYS A 36 -18.45 -26.81 -0.56
C LYS A 36 -17.82 -25.43 -0.48
N ILE A 37 -18.67 -24.42 -0.21
CA ILE A 37 -18.19 -23.08 0.03
C ILE A 37 -17.44 -23.06 1.35
N THR A 38 -16.28 -22.41 1.36
CA THR A 38 -15.43 -22.31 2.54
C THR A 38 -15.39 -20.91 3.11
N ASN A 39 -15.36 -19.88 2.25
CA ASN A 39 -15.25 -18.50 2.71
C ASN A 39 -15.80 -17.58 1.63
N TYR A 40 -16.20 -16.39 2.06
CA TYR A 40 -16.61 -15.32 1.16
C TYR A 40 -15.61 -14.18 1.23
N ILE A 41 -15.40 -13.52 0.10
CA ILE A 41 -14.53 -12.36 -0.01
C ILE A 41 -15.41 -11.14 -0.22
N VAL A 42 -15.21 -10.11 0.60
CA VAL A 42 -16.00 -8.89 0.56
C VAL A 42 -15.09 -7.75 0.13
N GLU A 43 -15.52 -6.99 -0.87
CA GLU A 43 -14.71 -5.93 -1.43
C GLU A 43 -15.53 -4.66 -1.58
N LYS A 44 -14.83 -3.51 -1.59
CA LYS A 44 -15.43 -2.21 -1.82
C LYS A 44 -14.71 -1.51 -2.95
N ARG A 45 -15.38 -0.54 -3.56
CA ARG A 45 -14.76 0.34 -4.55
C ARG A 45 -15.46 1.69 -4.50
N GLU A 46 -14.72 2.74 -4.15
CA GLU A 46 -15.24 4.09 -4.27
C GLU A 46 -15.62 4.37 -5.73
N THR A 47 -16.66 5.17 -5.91
CA THR A 47 -17.05 5.55 -7.27
C THR A 47 -15.96 6.34 -7.98
N THR A 48 -14.97 6.84 -7.24
CA THR A 48 -13.87 7.61 -7.81
C THR A 48 -12.56 6.82 -7.91
N ARG A 49 -12.58 5.51 -7.67
CA ARG A 49 -11.39 4.67 -7.75
C ARG A 49 -11.62 3.56 -8.77
N LYS A 50 -10.52 3.09 -9.35
CA LYS A 50 -10.62 2.06 -10.38
C LYS A 50 -10.66 0.65 -9.78
N ALA A 51 -9.84 0.40 -8.75
CA ALA A 51 -9.62 -0.95 -8.26
C ALA A 51 -10.47 -1.26 -7.04
N TYR A 52 -10.95 -2.50 -6.98
CA TYR A 52 -11.65 -2.98 -5.79
C TYR A 52 -10.66 -3.33 -4.69
N ALA A 53 -10.99 -2.92 -3.47
CA ALA A 53 -10.16 -3.16 -2.30
C ALA A 53 -10.84 -4.22 -1.43
N THR A 54 -10.13 -5.32 -1.18
CA THR A 54 -10.66 -6.40 -0.34
C THR A 54 -10.74 -5.95 1.11
N ILE A 55 -11.91 -6.11 1.71
CA ILE A 55 -12.06 -5.87 3.14
C ILE A 55 -11.71 -7.12 3.94
N THR A 56 -12.26 -8.26 3.55
CA THR A 56 -11.91 -9.53 4.15
C THR A 56 -12.00 -10.62 3.09
N ASN A 57 -11.13 -11.62 3.21
CA ASN A 57 -11.21 -12.81 2.39
C ASN A 57 -11.60 -14.04 3.20
N ASN A 58 -12.03 -13.86 4.45
CA ASN A 58 -12.30 -14.96 5.37
C ASN A 58 -13.65 -14.77 6.06
N CYS A 59 -14.63 -14.24 5.35
CA CYS A 59 -16.00 -14.17 5.87
C CYS A 59 -16.66 -15.53 5.71
N THR A 60 -17.07 -16.14 6.82
CA THR A 60 -17.67 -17.47 6.78
C THR A 60 -19.18 -17.45 6.92
N LYS A 61 -19.74 -16.32 7.37
CA LYS A 61 -21.17 -16.14 7.40
C LYS A 61 -21.65 -15.58 6.07
N THR A 62 -22.96 -15.39 5.93
CA THR A 62 -23.53 -14.78 4.74
C THR A 62 -23.97 -13.34 5.00
N THR A 63 -23.35 -12.68 5.98
CA THR A 63 -23.60 -11.28 6.24
C THR A 63 -22.32 -10.67 6.77
N PHE A 64 -22.06 -9.41 6.41
CA PHE A 64 -20.81 -8.76 6.81
C PHE A 64 -21.03 -7.26 6.87
N ARG A 65 -20.40 -6.62 7.85
CA ARG A 65 -20.48 -5.18 8.04
C ARG A 65 -19.15 -4.55 7.66
N ILE A 66 -19.17 -3.67 6.67
CA ILE A 66 -17.98 -2.96 6.20
C ILE A 66 -17.92 -1.64 6.96
N GLU A 67 -16.79 -1.41 7.64
CA GLU A 67 -16.65 -0.24 8.50
C GLU A 67 -15.47 0.61 8.05
N ASN A 68 -15.29 1.73 8.74
CA ASN A 68 -14.25 2.71 8.43
C ASN A 68 -14.33 3.18 6.97
N LEU A 69 -15.55 3.36 6.48
CA LEU A 69 -15.73 4.00 5.18
C LEU A 69 -15.58 5.51 5.33
N GLN A 70 -15.59 6.21 4.20
CA GLN A 70 -15.47 7.67 4.19
C GLN A 70 -16.86 8.27 4.19
N GLU A 71 -17.25 8.88 5.31
CA GLU A 71 -18.53 9.57 5.38
C GLU A 71 -18.69 10.51 4.19
N GLY A 72 -19.84 10.43 3.53
CA GLY A 72 -20.11 11.26 2.37
C GLY A 72 -19.67 10.67 1.05
N CYS A 73 -19.03 9.50 1.07
CA CYS A 73 -18.48 8.86 -0.12
C CYS A 73 -19.50 7.83 -0.62
N SER A 74 -19.46 7.59 -1.93
CA SER A 74 -20.31 6.61 -2.58
C SER A 74 -19.49 5.39 -2.98
N TYR A 75 -20.09 4.21 -2.82
CA TYR A 75 -19.35 2.96 -2.97
C TYR A 75 -20.14 1.93 -3.76
N TYR A 76 -19.41 1.09 -4.49
CA TYR A 76 -19.88 -0.21 -4.92
C TYR A 76 -19.28 -1.28 -4.01
N PHE A 77 -20.00 -2.36 -3.81
CA PHE A 77 -19.54 -3.47 -3.00
C PHE A 77 -19.69 -4.77 -3.79
N ARG A 78 -18.74 -5.69 -3.56
CA ARG A 78 -18.75 -7.01 -4.18
C ARG A 78 -18.57 -8.08 -3.13
N VAL A 79 -19.22 -9.21 -3.34
CA VAL A 79 -19.02 -10.41 -2.53
C VAL A 79 -18.76 -11.57 -3.48
N LEU A 80 -17.68 -12.31 -3.24
CA LEU A 80 -17.34 -13.47 -4.05
C LEU A 80 -17.31 -14.70 -3.17
N ALA A 81 -17.73 -15.83 -3.73
CA ALA A 81 -17.75 -17.11 -3.03
C ALA A 81 -16.51 -17.92 -3.40
N SER A 82 -15.97 -18.64 -2.43
CA SER A 82 -14.75 -19.42 -2.63
CA SER A 82 -14.75 -19.42 -2.63
C SER A 82 -14.92 -20.82 -2.04
N ASN A 83 -14.42 -21.81 -2.78
CA ASN A 83 -14.28 -23.18 -2.30
C ASN A 83 -12.79 -23.55 -2.41
N GLU A 84 -12.48 -24.82 -2.14
CA GLU A 84 -11.09 -25.21 -2.14
C GLU A 84 -10.44 -25.13 -3.52
N TYR A 85 -11.24 -24.98 -4.58
CA TYR A 85 -10.73 -25.03 -5.93
C TYR A 85 -10.61 -23.65 -6.59
N GLY A 86 -11.23 -22.62 -6.03
CA GLY A 86 -10.99 -21.28 -6.52
C GLY A 86 -12.09 -20.33 -6.08
N ILE A 87 -12.01 -19.11 -6.64
CA ILE A 87 -12.93 -18.02 -6.35
C ILE A 87 -13.90 -17.90 -7.51
N GLY A 88 -15.18 -17.71 -7.20
CA GLY A 88 -16.23 -17.60 -8.20
C GLY A 88 -16.45 -16.17 -8.63
N LEU A 89 -17.48 -15.98 -9.47
CA LEU A 89 -17.82 -14.66 -9.95
C LEU A 89 -18.44 -13.83 -8.84
N PRO A 90 -18.31 -12.51 -8.90
CA PRO A 90 -18.85 -11.66 -7.83
C PRO A 90 -20.34 -11.38 -7.99
N ALA A 91 -20.99 -11.19 -6.85
CA ALA A 91 -22.23 -10.44 -6.77
C ALA A 91 -21.87 -9.00 -6.41
N GLU A 92 -22.42 -8.05 -7.15
CA GLU A 92 -22.09 -6.65 -6.94
C GLU A 92 -23.35 -5.82 -6.79
N THR A 93 -23.27 -4.79 -5.96
CA THR A 93 -24.37 -3.84 -5.82
C THR A 93 -24.58 -3.11 -7.15
N THR A 94 -25.84 -3.01 -7.58
CA THR A 94 -26.13 -2.39 -8.87
C THR A 94 -25.95 -0.88 -8.80
N GLU A 95 -26.52 -0.23 -7.78
CA GLU A 95 -26.33 1.20 -7.61
C GLU A 95 -25.23 1.47 -6.60
N PRO A 96 -24.54 2.60 -6.70
CA PRO A 96 -23.63 2.99 -5.62
C PRO A 96 -24.40 3.43 -4.39
N VAL A 97 -23.82 3.20 -3.23
CA VAL A 97 -24.42 3.53 -1.94
C VAL A 97 -23.65 4.71 -1.36
N LYS A 98 -24.39 5.76 -1.00
CA LYS A 98 -23.81 6.90 -0.30
C LYS A 98 -23.96 6.68 1.20
N VAL A 99 -22.83 6.68 1.91
CA VAL A 99 -22.84 6.60 3.37
C VAL A 99 -22.88 8.03 3.92
N SER A 100 -23.73 8.25 4.91
CA SER A 100 -23.90 9.59 5.48
C SER A 100 -24.74 9.48 6.73
N GLU A 101 -24.60 10.48 7.59
CA GLU A 101 -25.42 10.55 8.80
C GLU A 101 -26.86 10.88 8.43
N PRO A 102 -27.85 10.09 8.90
CA PRO A 102 -29.23 10.46 8.62
C PRO A 102 -29.74 11.65 9.44
N ASP B 4 -22.03 17.49 -2.24
CA ASP B 4 -22.08 17.83 -3.66
C ASP B 4 -20.70 18.28 -4.16
N SER B 5 -20.02 19.11 -3.37
CA SER B 5 -18.70 19.58 -3.75
C SER B 5 -17.66 18.49 -3.47
N PRO B 6 -16.58 18.46 -4.25
CA PRO B 6 -15.59 17.38 -4.07
C PRO B 6 -14.83 17.56 -2.76
N SER B 7 -14.30 16.44 -2.27
CA SER B 7 -13.41 16.45 -1.12
C SER B 7 -11.99 16.81 -1.58
N ALA B 8 -11.04 16.79 -0.65
CA ALA B 8 -9.68 17.21 -0.97
C ALA B 8 -8.93 16.12 -1.71
N PRO B 9 -7.96 16.47 -2.56
CA PRO B 9 -7.06 15.46 -3.12
C PRO B 9 -6.39 14.69 -1.99
N VAL B 10 -6.00 13.45 -2.30
CA VAL B 10 -5.51 12.51 -1.29
C VAL B 10 -4.03 12.25 -1.49
N ASN B 11 -3.32 12.08 -0.37
CA ASN B 11 -1.91 11.69 -0.39
C ASN B 11 -1.07 12.64 -1.25
N LEU B 12 -1.23 13.95 -0.98
CA LEU B 12 -0.42 14.96 -1.64
C LEU B 12 1.06 14.66 -1.38
N THR B 13 1.81 14.47 -2.45
CA THR B 13 3.20 14.01 -2.38
C THR B 13 4.10 14.98 -3.11
N ILE B 14 5.25 15.27 -2.50
CA ILE B 14 6.31 16.05 -3.13
C ILE B 14 7.16 15.05 -3.92
N ARG B 15 7.07 15.13 -5.25
CA ARG B 15 7.74 14.17 -6.12
C ARG B 15 9.18 14.53 -6.44
N GLU B 16 9.52 15.81 -6.40
CA GLU B 16 10.85 16.24 -6.84
C GLU B 16 11.04 17.69 -6.44
N VAL B 17 12.23 17.99 -5.92
CA VAL B 17 12.57 19.33 -5.46
C VAL B 17 13.89 19.72 -6.12
N LYS B 18 13.90 20.84 -6.84
CA LYS B 18 15.09 21.26 -7.56
C LYS B 18 15.48 22.68 -7.15
N LYS B 19 16.36 23.31 -7.91
CA LYS B 19 16.92 24.59 -7.50
C LYS B 19 15.85 25.66 -7.39
N ASP B 20 14.85 25.63 -8.28
CA ASP B 20 13.79 26.63 -8.26
C ASP B 20 12.47 26.05 -8.75
N SER B 21 12.22 24.78 -8.44
CA SER B 21 10.97 24.16 -8.85
C SER B 21 10.66 22.99 -7.94
N VAL B 22 9.38 22.63 -7.90
CA VAL B 22 8.88 21.51 -7.11
C VAL B 22 7.82 20.79 -7.91
N THR B 23 7.92 19.47 -7.98
CA THR B 23 6.92 18.65 -8.65
C THR B 23 6.06 17.98 -7.60
N LEU B 24 4.75 18.14 -7.72
CA LEU B 24 3.79 17.54 -6.82
C LEU B 24 2.98 16.47 -7.56
N SER B 25 2.45 15.53 -6.77
CA SER B 25 1.48 14.58 -7.27
C SER B 25 0.46 14.31 -6.18
N TRP B 26 -0.66 13.69 -6.56
CA TRP B 26 -1.76 13.46 -5.64
C TRP B 26 -2.67 12.41 -6.25
N GLU B 27 -3.57 11.89 -5.41
CA GLU B 27 -4.64 11.01 -5.89
C GLU B 27 -5.97 11.77 -5.94
N PRO B 28 -6.89 11.33 -6.78
CA PRO B 28 -8.13 12.08 -6.91
C PRO B 28 -8.88 12.06 -5.60
N PRO B 29 -9.77 13.03 -5.39
CA PRO B 29 -10.58 13.02 -4.16
C PRO B 29 -11.46 11.76 -4.07
N LEU B 30 -11.75 11.34 -2.85
CA LEU B 30 -12.64 10.20 -2.67
C LEU B 30 -14.07 10.56 -3.05
N ILE B 31 -14.46 11.82 -2.88
CA ILE B 31 -15.81 12.30 -3.13
C ILE B 31 -15.74 13.32 -4.26
N ASP B 32 -16.42 13.02 -5.37
CA ASP B 32 -16.63 14.01 -6.42
C ASP B 32 -18.05 14.55 -6.44
N GLY B 33 -18.94 13.97 -5.63
CA GLY B 33 -20.28 14.49 -5.52
C GLY B 33 -21.18 14.18 -6.69
N GLY B 34 -20.97 13.05 -7.37
CA GLY B 34 -21.79 12.65 -8.48
C GLY B 34 -21.38 13.19 -9.83
N ALA B 35 -20.40 14.08 -9.88
CA ALA B 35 -19.92 14.64 -11.14
C ALA B 35 -18.40 14.57 -11.16
N LYS B 36 -17.85 14.05 -12.25
CA LYS B 36 -16.43 13.71 -12.30
C LYS B 36 -15.57 14.95 -12.17
N ILE B 37 -14.42 14.80 -11.50
CA ILE B 37 -13.43 15.85 -11.45
C ILE B 37 -12.93 16.14 -12.86
N THR B 38 -12.84 17.42 -13.18
CA THR B 38 -12.39 17.86 -14.49
C THR B 38 -11.06 18.58 -14.48
N ASN B 39 -10.71 19.23 -13.38
CA ASN B 39 -9.46 19.98 -13.30
C ASN B 39 -9.00 20.04 -11.85
N TYR B 40 -7.71 20.36 -11.68
CA TYR B 40 -7.13 20.60 -10.37
C TYR B 40 -6.54 22.00 -10.35
N ILE B 41 -6.70 22.67 -9.23
CA ILE B 41 -6.10 23.98 -9.00
C ILE B 41 -4.88 23.80 -8.12
N VAL B 42 -3.73 24.32 -8.56
CA VAL B 42 -2.47 24.20 -7.83
C VAL B 42 -2.03 25.58 -7.39
N GLU B 43 -1.75 25.72 -6.10
CA GLU B 43 -1.45 27.00 -5.50
C GLU B 43 -0.17 26.92 -4.67
N LYS B 44 0.50 28.04 -4.56
CA LYS B 44 1.72 28.13 -3.76
C LYS B 44 1.58 29.26 -2.75
N ARG B 45 2.34 29.16 -1.67
CA ARG B 45 2.53 30.32 -0.78
C ARG B 45 3.93 30.28 -0.22
N GLU B 46 4.76 31.24 -0.61
CA GLU B 46 6.03 31.44 0.07
C GLU B 46 5.78 31.77 1.53
N THR B 47 6.60 31.23 2.42
CA THR B 47 6.41 31.48 3.84
C THR B 47 6.42 32.96 4.18
N THR B 48 6.97 33.80 3.31
CA THR B 48 7.03 35.23 3.53
C THR B 48 5.86 35.99 2.91
N ARG B 49 4.89 35.29 2.32
CA ARG B 49 3.71 35.90 1.74
C ARG B 49 2.47 35.50 2.55
N LYS B 50 1.45 36.34 2.48
CA LYS B 50 0.26 36.10 3.27
C LYS B 50 -0.75 35.18 2.60
N ALA B 51 -0.94 35.32 1.30
CA ALA B 51 -2.01 34.63 0.59
C ALA B 51 -1.44 33.65 -0.43
N TYR B 52 -2.17 32.55 -0.64
CA TYR B 52 -1.82 31.59 -1.66
C TYR B 52 -2.02 32.19 -3.05
N ALA B 53 -1.10 31.86 -3.97
CA ALA B 53 -1.14 32.33 -5.34
C ALA B 53 -1.32 31.12 -6.26
N THR B 54 -2.31 31.19 -7.14
CA THR B 54 -2.63 30.08 -8.02
C THR B 54 -1.61 30.00 -9.14
N ILE B 55 -1.09 28.79 -9.38
CA ILE B 55 -0.21 28.54 -10.51
C ILE B 55 -1.00 28.14 -11.73
N THR B 56 -1.97 27.24 -11.56
CA THR B 56 -2.83 26.80 -12.65
C THR B 56 -4.19 26.42 -12.06
N ASN B 57 -5.24 26.67 -12.82
CA ASN B 57 -6.59 26.24 -12.44
C ASN B 57 -7.12 25.18 -13.40
N ASN B 58 -6.31 24.69 -14.31
CA ASN B 58 -6.77 23.80 -15.38
C ASN B 58 -5.80 22.64 -15.56
N CYS B 59 -5.23 22.15 -14.46
CA CYS B 59 -4.40 20.96 -14.49
C CYS B 59 -5.29 19.72 -14.58
N THR B 60 -5.11 18.92 -15.62
CA THR B 60 -5.92 17.73 -15.81
C THR B 60 -5.25 16.46 -15.31
N LYS B 61 -3.93 16.43 -15.26
CA LYS B 61 -3.22 15.32 -14.65
C LYS B 61 -3.31 15.40 -13.11
N THR B 62 -2.84 14.35 -12.45
CA THR B 62 -2.71 14.36 -11.00
C THR B 62 -1.27 14.66 -10.57
N THR B 63 -0.54 15.40 -11.40
CA THR B 63 0.82 15.83 -11.08
C THR B 63 1.06 17.16 -11.77
N PHE B 64 1.91 17.98 -11.16
CA PHE B 64 2.20 19.28 -11.74
C PHE B 64 3.52 19.78 -11.17
N ARG B 65 4.31 20.43 -12.04
CA ARG B 65 5.61 20.99 -11.68
C ARG B 65 5.48 22.51 -11.60
N ILE B 66 5.68 23.05 -10.41
CA ILE B 66 5.65 24.48 -10.17
C ILE B 66 7.04 25.04 -10.33
N GLU B 67 7.19 26.05 -11.19
CA GLU B 67 8.51 26.56 -11.57
C GLU B 67 8.67 28.01 -11.16
N ASN B 68 9.90 28.50 -11.33
CA ASN B 68 10.22 29.90 -11.06
C ASN B 68 9.93 30.28 -9.61
N LEU B 69 10.28 29.38 -8.70
CA LEU B 69 10.20 29.66 -7.27
C LEU B 69 11.47 30.37 -6.81
N GLN B 70 11.34 31.08 -5.69
CA GLN B 70 12.47 31.84 -5.15
C GLN B 70 13.50 30.88 -4.58
N GLU B 71 14.69 30.85 -5.16
CA GLU B 71 15.72 29.92 -4.71
C GLU B 71 16.11 30.22 -3.28
N GLY B 72 16.14 29.18 -2.45
CA GLY B 72 16.52 29.33 -1.06
C GLY B 72 15.39 29.67 -0.12
N CYS B 73 14.17 29.81 -0.64
CA CYS B 73 13.00 30.12 0.17
C CYS B 73 12.12 28.89 0.33
N SER B 74 11.20 28.98 1.29
CA SER B 74 10.31 27.88 1.65
C SER B 74 8.89 28.19 1.18
N TYR B 75 8.16 27.12 0.87
CA TYR B 75 6.85 27.25 0.25
C TYR B 75 5.88 26.21 0.81
N TYR B 76 4.64 26.66 1.04
CA TYR B 76 3.51 25.76 1.19
C TYR B 76 2.82 25.58 -0.16
N PHE B 77 2.11 24.46 -0.31
CA PHE B 77 1.37 24.20 -1.55
C PHE B 77 -0.01 23.69 -1.22
N ARG B 78 -0.98 24.07 -2.05
CA ARG B 78 -2.35 23.57 -1.96
C ARG B 78 -2.76 23.05 -3.33
N VAL B 79 -3.53 21.96 -3.33
CA VAL B 79 -4.16 21.43 -4.53
C VAL B 79 -5.64 21.24 -4.22
N LEU B 80 -6.49 21.78 -5.08
CA LEU B 80 -7.94 21.68 -4.97
C LEU B 80 -8.47 20.93 -6.18
N ALA B 81 -9.57 20.22 -5.98
CA ALA B 81 -10.24 19.48 -7.03
C ALA B 81 -11.50 20.24 -7.45
N SER B 82 -11.82 20.18 -8.73
CA SER B 82 -12.98 20.90 -9.25
C SER B 82 -13.73 20.02 -10.24
N ASN B 83 -15.05 20.09 -10.20
CA ASN B 83 -15.92 19.49 -11.20
C ASN B 83 -16.71 20.61 -11.88
N GLU B 84 -17.69 20.24 -12.70
CA GLU B 84 -18.45 21.25 -13.41
C GLU B 84 -19.28 22.13 -12.48
N TYR B 85 -19.48 21.71 -11.23
CA TYR B 85 -20.38 22.41 -10.32
C TYR B 85 -19.67 23.22 -9.25
N GLY B 86 -18.39 22.96 -8.98
CA GLY B 86 -17.69 23.78 -8.01
C GLY B 86 -16.36 23.18 -7.60
N ILE B 87 -15.73 23.87 -6.66
CA ILE B 87 -14.39 23.55 -6.19
C ILE B 87 -14.50 22.97 -4.78
N GLY B 88 -13.64 21.99 -4.47
CA GLY B 88 -13.64 21.33 -3.19
C GLY B 88 -12.58 21.88 -2.25
N LEU B 89 -12.54 21.29 -1.06
CA LEU B 89 -11.57 21.71 -0.05
C LEU B 89 -10.16 21.42 -0.55
N PRO B 90 -9.17 22.15 -0.05
CA PRO B 90 -7.78 21.92 -0.48
C PRO B 90 -7.05 20.84 0.30
N ALA B 91 -6.19 20.13 -0.42
CA ALA B 91 -5.09 19.39 0.18
C ALA B 91 -3.93 20.36 0.33
N GLU B 92 -3.29 20.38 1.50
CA GLU B 92 -2.25 21.34 1.79
C GLU B 92 -1.05 20.66 2.40
N THR B 93 0.15 21.08 1.99
CA THR B 93 1.39 20.60 2.61
C THR B 93 1.46 21.12 4.04
N THR B 94 1.51 20.20 5.01
CA THR B 94 1.52 20.64 6.41
C THR B 94 2.81 21.37 6.74
N GLU B 95 3.97 20.86 6.28
CA GLU B 95 5.23 21.54 6.48
C GLU B 95 5.69 22.19 5.18
N PRO B 96 6.39 23.31 5.27
CA PRO B 96 6.88 23.97 4.04
C PRO B 96 8.10 23.25 3.46
N VAL B 97 8.31 23.48 2.17
CA VAL B 97 9.40 22.86 1.42
C VAL B 97 10.41 23.94 1.06
N LYS B 98 11.67 23.71 1.42
CA LYS B 98 12.76 24.60 1.07
C LYS B 98 13.26 24.25 -0.33
N VAL B 99 13.21 25.23 -1.22
CA VAL B 99 13.70 25.07 -2.59
C VAL B 99 15.15 25.54 -2.65
N SER B 100 16.03 24.68 -3.14
CA SER B 100 17.45 25.00 -3.18
C SER B 100 18.16 24.03 -4.12
N GLU B 101 19.35 24.41 -4.53
CA GLU B 101 20.14 23.57 -5.41
C GLU B 101 20.46 22.25 -4.72
N PRO B 102 20.26 21.11 -5.39
CA PRO B 102 20.64 19.83 -4.76
C PRO B 102 22.13 19.77 -4.49
N PRO B 103 22.54 19.34 -3.29
CA PRO B 103 23.98 19.22 -3.02
C PRO B 103 24.60 17.95 -3.61
N SER C 2 34.70 19.57 25.36
CA SER C 2 33.43 18.95 25.70
C SER C 2 33.21 17.67 24.89
N SER C 3 33.93 17.55 23.78
CA SER C 3 33.86 16.36 22.93
C SER C 3 32.42 15.99 22.60
N ASP C 4 31.68 16.97 22.09
CA ASP C 4 30.26 16.81 21.81
C ASP C 4 30.05 16.20 20.43
N SER C 5 28.96 15.45 20.30
CA SER C 5 28.51 14.95 19.01
C SER C 5 27.94 16.11 18.20
N PRO C 6 27.61 15.88 16.94
CA PRO C 6 27.06 16.96 16.10
C PRO C 6 25.61 17.27 16.45
N SER C 7 25.14 18.41 15.93
CA SER C 7 23.71 18.72 15.95
C SER C 7 23.02 18.02 14.79
N ALA C 8 21.71 18.25 14.65
CA ALA C 8 20.95 17.57 13.61
C ALA C 8 21.29 18.13 12.23
N PRO C 9 21.22 17.31 11.19
CA PRO C 9 21.32 17.85 9.82
C PRO C 9 20.25 18.90 9.60
N VAL C 10 20.52 19.83 8.70
CA VAL C 10 19.70 21.02 8.50
C VAL C 10 18.95 20.90 7.18
N ASN C 11 17.70 21.32 7.19
CA ASN C 11 16.87 21.40 5.99
C ASN C 11 16.88 20.07 5.23
N LEU C 12 16.46 19.02 5.93
CA LEU C 12 16.27 17.74 5.28
C LEU C 12 15.21 17.88 4.20
N THR C 13 15.57 17.55 2.97
CA THR C 13 14.72 17.77 1.82
C THR C 13 14.41 16.46 1.11
N ILE C 14 13.16 16.31 0.69
CA ILE C 14 12.77 15.20 -0.18
C ILE C 14 13.09 15.62 -1.61
N ARG C 15 14.11 15.01 -2.20
CA ARG C 15 14.54 15.39 -3.54
C ARG C 15 13.80 14.63 -4.64
N GLU C 16 13.41 13.38 -4.37
CA GLU C 16 12.74 12.58 -5.38
C GLU C 16 11.97 11.47 -4.68
N VAL C 17 10.76 11.21 -5.17
CA VAL C 17 9.92 10.11 -4.70
C VAL C 17 9.47 9.31 -5.92
N LYS C 18 9.81 8.03 -5.94
CA LYS C 18 9.51 7.12 -7.05
C LYS C 18 8.59 6.01 -6.55
N LYS C 19 8.41 4.97 -7.37
CA LYS C 19 7.48 3.90 -7.01
C LYS C 19 7.95 3.13 -5.78
N ASP C 20 9.28 3.01 -5.60
CA ASP C 20 9.78 2.28 -4.44
C ASP C 20 11.13 2.81 -3.97
N SER C 21 11.38 4.10 -4.12
CA SER C 21 12.61 4.69 -3.67
C SER C 21 12.38 6.16 -3.37
N VAL C 22 13.21 6.71 -2.49
CA VAL C 22 13.17 8.12 -2.10
C VAL C 22 14.59 8.62 -2.01
N THR C 23 14.86 9.76 -2.67
CA THR C 23 16.15 10.44 -2.56
C THR C 23 16.02 11.59 -1.58
N LEU C 24 16.93 11.62 -0.60
CA LEU C 24 16.98 12.67 0.40
C LEU C 24 18.26 13.49 0.22
N SER C 25 18.18 14.77 0.59
CA SER C 25 19.36 15.61 0.69
C SER C 25 19.23 16.46 1.95
N TRP C 26 20.36 17.01 2.40
CA TRP C 26 20.38 17.82 3.61
C TRP C 26 21.62 18.68 3.58
N GLU C 27 21.66 19.62 4.47
CA GLU C 27 22.84 20.46 4.70
C GLU C 27 23.55 20.04 5.98
N PRO C 28 24.85 20.30 6.08
CA PRO C 28 25.58 19.83 7.25
C PRO C 28 24.98 20.43 8.52
N PRO C 29 25.19 19.78 9.65
CA PRO C 29 24.72 20.37 10.91
C PRO C 29 25.33 21.75 11.13
N LEU C 30 24.63 22.59 11.88
CA LEU C 30 25.19 23.87 12.27
C LEU C 30 26.30 23.71 13.31
N ILE C 31 26.25 22.63 14.09
CA ILE C 31 27.24 22.37 15.14
C ILE C 31 27.82 20.97 14.89
N ASP C 32 29.10 20.93 14.55
CA ASP C 32 29.79 19.64 14.43
C ASP C 32 30.17 19.06 15.77
N GLY C 33 30.20 19.87 16.81
CA GLY C 33 30.64 19.43 18.11
C GLY C 33 32.13 19.47 18.27
N GLY C 34 32.72 18.41 18.83
CA GLY C 34 34.13 18.40 19.12
C GLY C 34 35.05 18.02 17.98
N ALA C 35 34.51 17.66 16.83
CA ALA C 35 35.33 17.22 15.71
C ALA C 35 34.49 17.26 14.44
N LYS C 36 35.18 17.19 13.31
CA LYS C 36 34.51 17.30 12.01
C LYS C 36 33.58 16.12 11.78
N ILE C 37 32.54 16.36 10.97
CA ILE C 37 31.63 15.30 10.59
C ILE C 37 32.38 14.26 9.76
N THR C 38 32.12 12.99 10.03
CA THR C 38 32.77 11.88 9.32
C THR C 38 31.81 11.12 8.43
N ASN C 39 30.56 10.93 8.86
CA ASN C 39 29.58 10.26 8.01
C ASN C 39 28.20 10.52 8.57
N TYR C 40 27.20 10.25 7.74
CA TYR C 40 25.80 10.37 8.11
C TYR C 40 25.16 8.98 8.14
N ILE C 41 24.18 8.83 9.01
CA ILE C 41 23.39 7.60 9.14
C ILE C 41 22.00 7.88 8.60
N VAL C 42 21.53 7.02 7.70
CA VAL C 42 20.22 7.16 7.06
C VAL C 42 19.35 6.00 7.54
N GLU C 43 18.14 6.33 8.00
CA GLU C 43 17.23 5.34 8.56
C GLU C 43 15.84 5.53 7.98
N LYS C 44 15.08 4.44 7.92
CA LYS C 44 13.70 4.45 7.44
C LYS C 44 12.82 3.77 8.47
N ARG C 45 11.53 4.13 8.45
CA ARG C 45 10.54 3.43 9.25
C ARG C 45 9.19 3.54 8.57
N GLU C 46 8.59 2.41 8.21
CA GLU C 46 7.23 2.42 7.70
C GLU C 46 6.29 2.91 8.80
N THR C 47 5.19 3.55 8.38
CA THR C 47 4.28 4.14 9.36
C THR C 47 3.63 3.10 10.26
N THR C 48 3.66 1.83 9.89
CA THR C 48 3.08 0.77 10.69
C THR C 48 4.12 0.00 11.50
N ARG C 49 5.38 0.47 11.51
CA ARG C 49 6.45 -0.17 12.27
C ARG C 49 6.94 0.76 13.37
N LYS C 50 7.57 0.16 14.39
CA LYS C 50 8.04 0.91 15.54
C LYS C 50 9.49 1.35 15.38
N ALA C 51 10.34 0.45 14.89
CA ALA C 51 11.77 0.69 14.91
C ALA C 51 12.25 1.31 13.61
N TYR C 52 13.15 2.29 13.74
CA TYR C 52 13.87 2.82 12.60
C TYR C 52 14.93 1.83 12.16
N ALA C 53 14.97 1.55 10.86
CA ALA C 53 15.91 0.59 10.29
C ALA C 53 17.00 1.36 9.57
N THR C 54 18.26 1.12 9.96
CA THR C 54 19.37 1.79 9.32
C THR C 54 19.54 1.28 7.89
N ILE C 55 19.59 2.21 6.94
CA ILE C 55 19.91 1.88 5.56
C ILE C 55 21.41 1.84 5.34
N THR C 56 22.10 2.91 5.76
CA THR C 56 23.55 2.97 5.74
C THR C 56 24.01 3.70 6.99
N ASN C 57 25.22 3.37 7.46
CA ASN C 57 25.87 4.13 8.51
C ASN C 57 27.11 4.87 8.01
N ASN C 58 27.40 4.81 6.73
CA ASN C 58 28.64 5.33 6.17
C ASN C 58 28.36 6.20 4.95
N CYS C 59 27.29 7.00 5.00
CA CYS C 59 27.05 7.99 3.96
C CYS C 59 27.95 9.18 4.21
N THR C 60 28.85 9.47 3.26
CA THR C 60 29.75 10.62 3.40
C THR C 60 29.26 11.85 2.65
N LYS C 61 28.39 11.68 1.65
CA LYS C 61 27.79 12.82 0.98
C LYS C 61 26.59 13.32 1.78
N THR C 62 25.99 14.43 1.34
CA THR C 62 24.78 14.96 1.94
C THR C 62 23.55 14.66 1.09
N THR C 63 23.61 13.61 0.26
CA THR C 63 22.48 13.10 -0.49
C THR C 63 22.53 11.59 -0.44
N PHE C 64 21.37 10.96 -0.43
CA PHE C 64 21.30 9.50 -0.39
C PHE C 64 19.97 9.02 -0.93
N ARG C 65 20.02 7.96 -1.72
CA ARG C 65 18.83 7.35 -2.31
C ARG C 65 18.50 6.06 -1.56
N ILE C 66 17.30 6.00 -1.00
CA ILE C 66 16.82 4.84 -0.26
C ILE C 66 16.01 3.99 -1.23
N GLU C 67 16.40 2.73 -1.38
CA GLU C 67 15.83 1.86 -2.41
C GLU C 67 15.16 0.65 -1.76
N ASN C 68 14.55 -0.17 -2.62
CA ASN C 68 13.86 -1.40 -2.20
C ASN C 68 12.85 -1.13 -1.09
N LEU C 69 12.07 -0.07 -1.26
CA LEU C 69 10.91 0.16 -0.42
C LEU C 69 9.73 -0.64 -0.95
N GLN C 70 8.65 -0.67 -0.18
CA GLN C 70 7.43 -1.38 -0.57
C GLN C 70 6.48 -0.36 -1.22
N GLU C 71 6.22 -0.54 -2.52
CA GLU C 71 5.37 0.40 -3.24
C GLU C 71 4.01 0.52 -2.56
N GLY C 72 3.55 1.76 -2.40
CA GLY C 72 2.27 2.04 -1.80
C GLY C 72 2.30 2.26 -0.31
N CYS C 73 3.42 1.95 0.36
CA CYS C 73 3.57 2.16 1.79
C CYS C 73 4.12 3.55 2.07
N SER C 74 3.83 4.04 3.26
CA SER C 74 4.29 5.35 3.69
C SER C 74 5.42 5.19 4.70
N TYR C 75 6.35 6.14 4.67
CA TYR C 75 7.56 6.04 5.46
C TYR C 75 7.93 7.39 6.07
N TYR C 76 8.52 7.33 7.26
CA TYR C 76 9.34 8.40 7.78
C TYR C 76 10.81 8.07 7.52
N PHE C 77 11.63 9.11 7.41
CA PHE C 77 13.06 8.94 7.21
C PHE C 77 13.83 9.83 8.18
N ARG C 78 14.96 9.34 8.66
CA ARG C 78 15.83 10.08 9.56
C ARG C 78 17.23 10.12 8.98
N VAL C 79 17.93 11.22 9.20
CA VAL C 79 19.35 11.34 8.92
C VAL C 79 20.04 11.88 10.17
N LEU C 80 21.08 11.17 10.61
CA LEU C 80 21.85 11.56 11.78
C LEU C 80 23.29 11.81 11.38
N ALA C 81 23.90 12.84 11.94
CA ALA C 81 25.29 13.18 11.68
C ALA C 81 26.16 12.59 12.79
N SER C 82 27.35 12.15 12.42
CA SER C 82 28.26 11.53 13.37
C SER C 82 29.66 12.11 13.20
N ASN C 83 30.35 12.30 14.32
CA ASN C 83 31.76 12.64 14.33
C ASN C 83 32.48 11.55 15.13
N GLU C 84 33.77 11.77 15.42
CA GLU C 84 34.52 10.75 16.13
C GLU C 84 34.01 10.54 17.56
N TYR C 85 33.21 11.47 18.08
CA TYR C 85 32.81 11.42 19.48
C TYR C 85 31.41 10.86 19.70
N GLY C 86 30.59 10.79 18.66
CA GLY C 86 29.30 10.16 18.78
C GLY C 86 28.35 10.60 17.69
N ILE C 87 27.12 10.12 17.81
CA ILE C 87 26.05 10.38 16.85
C ILE C 87 25.17 11.50 17.39
N GLY C 88 24.80 12.44 16.53
CA GLY C 88 23.99 13.57 16.92
C GLY C 88 22.50 13.28 16.82
N LEU C 89 21.70 14.30 17.09
CA LEU C 89 20.25 14.16 17.00
C LEU C 89 19.81 14.05 15.54
N PRO C 90 18.71 13.34 15.27
CA PRO C 90 18.28 13.16 13.88
C PRO C 90 17.52 14.35 13.33
N ALA C 91 17.68 14.56 12.03
CA ALA C 91 16.71 15.30 11.23
C ALA C 91 15.73 14.28 10.66
N GLU C 92 14.44 14.51 10.87
CA GLU C 92 13.42 13.57 10.44
C GLU C 92 12.37 14.28 9.59
N THR C 93 11.88 13.59 8.57
CA THR C 93 10.73 14.07 7.81
C THR C 93 9.55 14.25 8.75
N THR C 94 8.96 15.44 8.74
CA THR C 94 7.86 15.70 9.65
C THR C 94 6.61 14.94 9.23
N GLU C 95 6.32 14.91 7.89
CA GLU C 95 5.19 14.16 7.34
C GLU C 95 5.68 12.85 6.73
N PRO C 96 4.88 11.78 6.77
CA PRO C 96 5.27 10.55 6.10
C PRO C 96 5.17 10.69 4.59
N VAL C 97 6.00 9.92 3.89
CA VAL C 97 6.11 9.97 2.44
C VAL C 97 5.58 8.66 1.90
N LYS C 98 4.58 8.74 1.01
CA LYS C 98 4.05 7.55 0.34
C LYS C 98 4.76 7.34 -0.98
N VAL C 99 5.30 6.13 -1.19
CA VAL C 99 5.94 5.76 -2.44
C VAL C 99 4.91 5.08 -3.33
N SER C 100 4.82 5.51 -4.58
CA SER C 100 3.91 4.93 -5.56
C SER C 100 4.34 5.39 -6.94
N GLU C 101 3.96 4.62 -7.94
CA GLU C 101 4.31 4.98 -9.32
C GLU C 101 3.57 6.26 -9.71
N PRO C 102 4.26 7.28 -10.23
CA PRO C 102 3.56 8.49 -10.66
C PRO C 102 2.61 8.18 -11.80
N PRO C 103 1.78 9.15 -12.21
CA PRO C 103 0.84 8.96 -13.33
C PRO C 103 1.51 8.43 -14.59
N ASP D 4 -1.60 -3.24 -8.91
CA ASP D 4 -1.87 -4.49 -9.62
C ASP D 4 -1.51 -5.69 -8.72
N SER D 5 -0.99 -6.79 -9.34
CA SER D 5 -0.83 -8.03 -8.60
C SER D 5 0.61 -8.21 -8.12
N PRO D 6 0.81 -8.82 -6.95
CA PRO D 6 2.18 -9.08 -6.48
C PRO D 6 2.88 -10.13 -7.33
N SER D 7 4.19 -10.20 -7.16
CA SER D 7 4.97 -11.27 -7.75
C SER D 7 4.87 -12.51 -6.86
N ALA D 8 5.57 -13.58 -7.26
CA ALA D 8 5.46 -14.84 -6.55
C ALA D 8 6.33 -14.84 -5.30
N PRO D 9 5.96 -15.62 -4.28
CA PRO D 9 6.88 -15.80 -3.14
C PRO D 9 8.22 -16.35 -3.60
N VAL D 10 9.28 -15.99 -2.89
CA VAL D 10 10.63 -16.30 -3.29
C VAL D 10 11.19 -17.41 -2.40
N ASN D 11 11.98 -18.28 -3.01
CA ASN D 11 12.74 -19.30 -2.28
C ASN D 11 11.81 -20.18 -1.44
N LEU D 12 10.79 -20.72 -2.10
CA LEU D 12 9.92 -21.68 -1.45
C LEU D 12 10.74 -22.89 -0.97
N THR D 13 10.61 -23.23 0.30
CA THR D 13 11.44 -24.24 0.94
C THR D 13 10.57 -25.27 1.63
N ILE D 14 10.90 -26.55 1.46
CA ILE D 14 10.29 -27.63 2.22
C ILE D 14 10.99 -27.67 3.57
N ARG D 15 10.30 -27.22 4.61
CA ARG D 15 10.92 -27.17 5.94
C ARG D 15 10.81 -28.49 6.68
N GLU D 16 9.77 -29.28 6.44
CA GLU D 16 9.52 -30.48 7.21
C GLU D 16 8.64 -31.43 6.42
N VAL D 17 8.98 -32.72 6.45
CA VAL D 17 8.18 -33.76 5.80
C VAL D 17 7.94 -34.86 6.83
N LYS D 18 6.67 -35.15 7.09
CA LYS D 18 6.30 -36.10 8.13
C LYS D 18 5.45 -37.21 7.51
N LYS D 19 4.85 -38.04 8.38
CA LYS D 19 4.08 -39.17 7.89
C LYS D 19 2.91 -38.71 7.03
N ASP D 20 2.28 -37.59 7.40
CA ASP D 20 1.13 -37.11 6.64
C ASP D 20 1.02 -35.59 6.74
N SER D 21 2.16 -34.91 6.72
CA SER D 21 2.15 -33.44 6.78
C SER D 21 3.45 -32.90 6.19
N VAL D 22 3.37 -31.66 5.74
CA VAL D 22 4.51 -30.95 5.17
C VAL D 22 4.45 -29.51 5.65
N THR D 23 5.59 -28.99 6.08
CA THR D 23 5.72 -27.59 6.48
C THR D 23 6.48 -26.85 5.40
N LEU D 24 5.90 -25.75 4.92
CA LEU D 24 6.52 -24.91 3.91
C LEU D 24 6.91 -23.59 4.53
N SER D 25 7.91 -22.93 3.93
CA SER D 25 8.27 -21.56 4.27
C SER D 25 8.73 -20.87 3.00
N TRP D 26 8.77 -19.54 3.05
CA TRP D 26 9.09 -18.75 1.87
C TRP D 26 9.45 -17.34 2.33
N GLU D 27 9.92 -16.55 1.37
CA GLU D 27 10.21 -15.14 1.59
C GLU D 27 9.20 -14.26 0.84
N PRO D 28 8.98 -13.04 1.32
CA PRO D 28 7.94 -12.24 0.71
C PRO D 28 8.26 -12.01 -0.76
N PRO D 29 7.24 -11.73 -1.58
CA PRO D 29 7.51 -11.38 -2.98
C PRO D 29 8.37 -10.14 -3.08
N LEU D 30 9.13 -10.05 -4.18
CA LEU D 30 9.95 -8.86 -4.39
C LEU D 30 9.08 -7.66 -4.75
N ILE D 31 7.97 -7.89 -5.44
CA ILE D 31 7.03 -6.85 -5.86
C ILE D 31 5.72 -7.07 -5.13
N ASP D 32 5.25 -6.05 -4.40
CA ASP D 32 3.95 -6.14 -3.76
C ASP D 32 2.82 -5.66 -4.66
N GLY D 33 3.14 -4.98 -5.75
CA GLY D 33 2.13 -4.58 -6.71
C GLY D 33 1.21 -3.48 -6.23
N GLY D 34 1.78 -2.40 -5.70
CA GLY D 34 1.04 -1.22 -5.36
C GLY D 34 0.54 -1.14 -3.94
N ALA D 35 0.47 -2.26 -3.23
CA ALA D 35 0.02 -2.28 -1.84
C ALA D 35 0.70 -3.41 -1.09
N LYS D 36 0.79 -3.23 0.23
CA LYS D 36 1.50 -4.17 1.09
C LYS D 36 0.86 -5.54 1.06
N ILE D 37 1.70 -6.59 1.09
CA ILE D 37 1.20 -7.95 1.16
C ILE D 37 0.45 -8.14 2.47
N THR D 38 -0.75 -8.73 2.39
CA THR D 38 -1.59 -8.94 3.56
C THR D 38 -1.76 -10.40 3.94
N ASN D 39 -1.76 -11.32 2.99
CA ASN D 39 -2.00 -12.73 3.28
C ASN D 39 -1.35 -13.59 2.22
N TYR D 40 -1.15 -14.86 2.57
CA TYR D 40 -0.64 -15.86 1.64
C TYR D 40 -1.66 -16.97 1.50
N ILE D 41 -1.73 -17.55 0.30
CA ILE D 41 -2.61 -18.67 -0.02
C ILE D 41 -1.73 -19.88 -0.25
N VAL D 42 -2.02 -20.97 0.45
CA VAL D 42 -1.25 -22.21 0.34
C VAL D 42 -2.15 -23.27 -0.27
N GLU D 43 -1.66 -23.91 -1.34
CA GLU D 43 -2.43 -24.90 -2.07
C GLU D 43 -1.62 -26.19 -2.21
N LYS D 44 -2.34 -27.30 -2.34
CA LYS D 44 -1.74 -28.60 -2.54
C LYS D 44 -2.34 -29.25 -3.79
N ARG D 45 -1.60 -30.19 -4.36
CA ARG D 45 -2.15 -31.06 -5.39
C ARG D 45 -1.47 -32.43 -5.30
N GLU D 46 -2.23 -33.45 -4.91
CA GLU D 46 -1.74 -34.81 -5.00
C GLU D 46 -1.44 -35.15 -6.46
N THR D 47 -0.41 -35.97 -6.68
CA THR D 47 -0.07 -36.36 -8.05
C THR D 47 -1.21 -37.10 -8.73
N THR D 48 -2.22 -37.55 -8.00
CA THR D 48 -3.37 -38.23 -8.57
C THR D 48 -4.56 -37.30 -8.77
N ARG D 49 -4.38 -36.01 -8.56
CA ARG D 49 -5.45 -35.04 -8.68
C ARG D 49 -5.11 -34.05 -9.79
N LYS D 50 -6.15 -33.55 -10.45
CA LYS D 50 -5.96 -32.62 -11.55
C LYS D 50 -5.74 -31.20 -11.06
N ALA D 51 -6.50 -30.76 -10.08
CA ALA D 51 -6.56 -29.36 -9.70
C ALA D 51 -6.01 -29.15 -8.30
N TYR D 52 -5.39 -27.98 -8.11
CA TYR D 52 -4.89 -27.61 -6.80
C TYR D 52 -6.05 -27.31 -5.85
N ALA D 53 -5.88 -27.71 -4.59
CA ALA D 53 -6.88 -27.49 -3.55
C ALA D 53 -6.29 -26.55 -2.51
N THR D 54 -7.00 -25.45 -2.25
CA THR D 54 -6.54 -24.46 -1.30
C THR D 54 -6.63 -25.01 0.12
N ILE D 55 -5.55 -24.88 0.88
CA ILE D 55 -5.56 -25.25 2.30
C ILE D 55 -5.95 -24.07 3.17
N THR D 56 -5.39 -22.90 2.90
CA THR D 56 -5.72 -21.68 3.63
C THR D 56 -5.50 -20.50 2.69
N ASN D 57 -6.33 -19.47 2.84
CA ASN D 57 -6.16 -18.25 2.07
C ASN D 57 -5.80 -17.05 2.94
N ASN D 58 -5.64 -17.24 4.25
CA ASN D 58 -5.42 -16.15 5.19
C ASN D 58 -4.21 -16.42 6.07
N CYS D 59 -3.17 -17.01 5.50
CA CYS D 59 -1.91 -17.19 6.22
C CYS D 59 -1.14 -15.88 6.21
N THR D 60 -0.83 -15.35 7.39
CA THR D 60 -0.11 -14.07 7.49
C THR D 60 1.40 -14.24 7.69
N LYS D 61 1.85 -15.38 8.22
CA LYS D 61 3.27 -15.64 8.28
C LYS D 61 3.77 -16.15 6.93
N THR D 62 5.09 -16.26 6.80
CA THR D 62 5.73 -16.84 5.63
C THR D 62 6.09 -18.31 5.85
N THR D 63 5.29 -19.02 6.63
CA THR D 63 5.43 -20.44 6.84
C THR D 63 4.07 -21.01 7.20
N PHE D 64 3.82 -22.25 6.79
CA PHE D 64 2.54 -22.90 7.05
C PHE D 64 2.73 -24.41 7.02
N ARG D 65 2.06 -25.10 7.93
CA ARG D 65 2.11 -26.55 8.02
C ARG D 65 0.83 -27.13 7.42
N ILE D 66 0.98 -27.95 6.39
CA ILE D 66 -0.14 -28.60 5.72
C ILE D 66 -0.28 -30.00 6.32
N GLU D 67 -1.48 -30.30 6.82
CA GLU D 67 -1.72 -31.53 7.55
C GLU D 67 -2.76 -32.39 6.84
N ASN D 68 -2.89 -33.64 7.30
CA ASN D 68 -3.91 -34.55 6.80
C ASN D 68 -3.73 -34.86 5.32
N LEU D 69 -2.48 -35.12 4.93
CA LEU D 69 -2.15 -35.60 3.60
C LEU D 69 -2.22 -37.12 3.56
N GLN D 70 -2.37 -37.65 2.35
N GLN D 70 -2.35 -37.65 2.35
CA GLN D 70 -2.44 -39.10 2.19
CA GLN D 70 -2.43 -39.10 2.16
C GLN D 70 -1.07 -39.71 2.40
C GLN D 70 -1.06 -39.73 2.38
N GLU D 71 -0.95 -40.56 3.42
CA GLU D 71 0.33 -41.19 3.73
C GLU D 71 0.81 -42.02 2.56
N GLY D 72 2.07 -41.83 2.19
CA GLY D 72 2.66 -42.59 1.11
C GLY D 72 2.52 -41.97 -0.26
N CYS D 73 1.75 -40.89 -0.41
CA CYS D 73 1.51 -40.27 -1.69
C CYS D 73 2.33 -39.00 -1.83
N SER D 74 2.41 -38.50 -3.05
CA SER D 74 3.22 -37.33 -3.39
C SER D 74 2.34 -36.13 -3.72
N TYR D 75 2.88 -34.95 -3.45
CA TYR D 75 2.12 -33.71 -3.56
C TYR D 75 2.96 -32.61 -4.18
N TYR D 76 2.32 -31.79 -5.01
CA TYR D 76 2.84 -30.48 -5.38
C TYR D 76 2.23 -29.44 -4.44
N PHE D 77 2.93 -28.32 -4.29
CA PHE D 77 2.44 -27.23 -3.44
C PHE D 77 2.65 -25.90 -4.13
N ARG D 78 1.70 -24.99 -3.95
CA ARG D 78 1.78 -23.63 -4.46
C ARG D 78 1.53 -22.67 -3.31
N VAL D 79 2.23 -21.55 -3.32
CA VAL D 79 2.00 -20.47 -2.36
C VAL D 79 1.85 -19.18 -3.15
N LEU D 80 0.78 -18.45 -2.91
CA LEU D 80 0.49 -17.20 -3.60
C LEU D 80 0.43 -16.09 -2.58
N ALA D 81 0.85 -14.90 -2.99
CA ALA D 81 0.78 -13.70 -2.17
C ALA D 81 -0.44 -12.87 -2.59
N SER D 82 -0.99 -12.15 -1.62
CA SER D 82 -2.17 -11.34 -1.87
C SER D 82 -2.06 -10.01 -1.15
N ASN D 83 -2.52 -8.94 -1.80
CA ASN D 83 -2.72 -7.64 -1.19
C ASN D 83 -4.18 -7.25 -1.36
N GLU D 84 -4.52 -6.02 -0.95
CA GLU D 84 -5.91 -5.60 -1.02
C GLU D 84 -6.46 -5.57 -2.44
N TYR D 85 -5.60 -5.54 -3.46
CA TYR D 85 -6.05 -5.38 -4.83
C TYR D 85 -6.10 -6.70 -5.60
N GLY D 86 -5.46 -7.75 -5.14
CA GLY D 86 -5.61 -9.04 -5.79
C GLY D 86 -4.49 -10.00 -5.43
N ILE D 87 -4.42 -11.07 -6.24
CA ILE D 87 -3.56 -12.22 -5.99
C ILE D 87 -2.52 -12.28 -7.08
N GLY D 88 -1.28 -12.64 -6.69
CA GLY D 88 -0.17 -12.73 -7.62
C GLY D 88 0.05 -14.16 -8.13
N LEU D 89 1.10 -14.30 -8.93
CA LEU D 89 1.42 -15.60 -9.49
C LEU D 89 1.96 -16.52 -8.40
N PRO D 90 1.83 -17.84 -8.57
CA PRO D 90 2.25 -18.76 -7.52
C PRO D 90 3.72 -19.13 -7.60
N ALA D 91 4.30 -19.33 -6.42
CA ALA D 91 5.53 -20.11 -6.28
C ALA D 91 5.10 -21.56 -6.16
N GLU D 92 5.75 -22.45 -6.92
CA GLU D 92 5.31 -23.84 -6.98
C GLU D 92 6.51 -24.77 -6.90
N THR D 93 6.35 -25.86 -6.15
CA THR D 93 7.35 -26.92 -6.14
C THR D 93 7.39 -27.57 -7.52
N THR D 94 8.56 -27.58 -8.15
CA THR D 94 8.66 -28.14 -9.50
C THR D 94 8.53 -29.66 -9.48
N GLU D 95 9.16 -30.32 -8.49
CA GLU D 95 9.02 -31.75 -8.31
C GLU D 95 8.16 -32.04 -7.08
N PRO D 96 7.46 -33.17 -7.07
CA PRO D 96 6.57 -33.47 -5.94
C PRO D 96 7.34 -34.05 -4.76
N VAL D 97 6.74 -33.93 -3.58
CA VAL D 97 7.31 -34.45 -2.34
C VAL D 97 6.45 -35.60 -1.86
N LYS D 98 7.09 -36.70 -1.50
CA LYS D 98 6.41 -37.86 -0.97
C LYS D 98 6.30 -37.74 0.55
N VAL D 99 5.09 -37.86 1.08
CA VAL D 99 4.86 -37.90 2.51
C VAL D 99 4.84 -39.35 2.96
N SER D 100 5.66 -39.68 3.96
CA SER D 100 5.72 -41.05 4.45
C SER D 100 6.38 -41.05 5.82
N GLU D 101 6.15 -42.11 6.57
CA GLU D 101 6.78 -42.26 7.88
C GLU D 101 8.29 -42.15 7.73
N PRO D 102 8.95 -41.30 8.52
CA PRO D 102 10.43 -41.25 8.51
C PRO D 102 10.99 -42.62 8.84
N PRO D 103 12.09 -43.04 8.20
CA PRO D 103 12.64 -44.37 8.48
C PRO D 103 13.30 -44.47 9.86
#